data_4GUJ
#
_entry.id   4GUJ
#
_cell.length_a   48.620
_cell.length_b   74.966
_cell.length_c   63.042
_cell.angle_alpha   90.00
_cell.angle_beta   100.49
_cell.angle_gamma   90.00
#
_symmetry.space_group_name_H-M   'P 1 21 1'
#
loop_
_entity.id
_entity.type
_entity.pdbx_description
1 polymer '3-dehydroquinate dehydratase'
2 non-polymer '(3R,4S,5R)-3,4,5-TRIHYDROXYCYCLOHEX-1-ENE-1-CARBOXYLIC ACID'
3 non-polymer 'ZINC ION'
4 water water
#
_entity_poly.entity_id   1
_entity_poly.type   'polypeptide(L)'
_entity_poly.pdbx_seq_one_letter_code
;SNAMKTVTVRDLVVGEGAPKIIVSLMGKTITDVKSEALAYREADFDILEWRVDHFANVTTAESVLEAAGAIREIITDKPL
LFTFRSAKEGGEQALTTGQYIDLNRAAVDSGLVDMIDLELFTGDDEVKATVGYAHQHNVAVIMSNHDFHKTPAAEEIVQR
LRKMQELGADIPKIAVMPQTKADVLTLLTATVEMQERYADRPIITMSMSKTGVISRLAGEVFGSAATFGAVKKASAPGQI
SVADLRTVLTILHQA
;
_entity_poly.pdbx_strand_id   A,B
#
loop_
_chem_comp.id
_chem_comp.type
_chem_comp.name
_chem_comp.formula
SKM non-polymer '(3R,4S,5R)-3,4,5-TRIHYDROXYCYCLOHEX-1-ENE-1-CARBOXYLIC ACID' 'C7 H10 O5'
ZN non-polymer 'ZINC ION' 'Zn 2'
#
# COMPACT_ATOMS: atom_id res chain seq x y z
N LYS A 5 22.62 5.18 10.58
CA LYS A 5 21.20 4.78 10.37
C LYS A 5 20.59 5.51 9.14
N THR A 6 21.06 6.73 8.91
CA THR A 6 20.63 7.50 7.74
C THR A 6 21.82 7.75 6.81
N VAL A 7 21.50 8.11 5.57
CA VAL A 7 22.51 8.41 4.56
C VAL A 7 22.18 9.77 3.97
N THR A 8 23.10 10.71 4.11
CA THR A 8 22.91 12.05 3.61
C THR A 8 23.68 12.26 2.34
N VAL A 9 22.92 12.64 1.31
CA VAL A 9 23.47 12.95 0.00
CA VAL A 9 23.44 12.94 0.00
C VAL A 9 22.96 14.37 -0.29
N ARG A 10 23.85 15.35 -0.13
CA ARG A 10 23.52 16.77 -0.35
C ARG A 10 22.29 17.36 0.34
N ASP A 11 22.12 17.21 1.64
CA ASP A 11 20.93 17.75 2.33
C ASP A 11 19.76 16.77 2.28
N LEU A 12 19.72 15.88 1.27
CA LEU A 12 18.68 14.88 1.27
C LEU A 12 19.12 13.86 2.29
N VAL A 13 18.24 13.57 3.25
CA VAL A 13 18.54 12.58 4.29
C VAL A 13 17.68 11.35 4.03
N VAL A 14 18.32 10.29 3.56
CA VAL A 14 17.64 9.04 3.25
C VAL A 14 17.56 8.17 4.50
N GLY A 15 16.39 7.60 4.79
CA GLY A 15 16.19 6.72 5.94
C GLY A 15 15.41 7.38 7.06
N GLU A 16 14.86 8.55 6.77
CA GLU A 16 14.08 9.36 7.70
C GLU A 16 12.84 9.89 6.99
N GLY A 17 11.74 10.04 7.71
CA GLY A 17 10.51 10.57 7.12
C GLY A 17 9.91 9.66 6.05
N ALA A 18 9.21 10.27 5.10
CA ALA A 18 8.58 9.52 4.02
C ALA A 18 9.64 8.98 3.06
N PRO A 19 9.34 7.85 2.37
CA PRO A 19 10.32 7.32 1.44
C PRO A 19 10.68 8.33 0.35
N LYS A 20 11.94 8.33 -0.07
CA LYS A 20 12.40 9.25 -1.11
C LYS A 20 12.12 8.68 -2.49
N ILE A 21 11.91 9.57 -3.46
CA ILE A 21 11.60 9.20 -4.82
C ILE A 21 12.81 9.31 -5.71
N ILE A 22 13.10 8.22 -6.41
CA ILE A 22 14.15 8.18 -7.39
C ILE A 22 13.49 8.02 -8.76
N VAL A 23 14.03 8.71 -9.76
CA VAL A 23 13.55 8.58 -11.15
C VAL A 23 14.76 8.33 -12.00
N SER A 24 14.58 7.63 -13.11
CA SER A 24 15.66 7.27 -13.97
C SER A 24 15.64 8.06 -15.27
N LEU A 25 16.79 8.62 -15.61
CA LEU A 25 17.03 9.34 -16.85
C LEU A 25 17.68 8.36 -17.81
N MET A 26 17.07 8.22 -18.99
CA MET A 26 17.52 7.28 -19.98
C MET A 26 17.68 8.03 -21.30
N GLY A 27 18.91 8.09 -21.80
CA GLY A 27 19.21 8.78 -23.05
C GLY A 27 20.32 8.05 -23.77
N LYS A 28 20.17 7.88 -25.07
CA LYS A 28 21.16 7.17 -25.88
C LYS A 28 22.39 8.03 -26.19
N THR A 29 22.18 9.29 -26.52
CA THR A 29 23.25 10.22 -26.88
C THR A 29 23.28 11.38 -25.92
N ILE A 30 24.33 12.17 -25.96
CA ILE A 30 24.44 13.33 -25.08
CA ILE A 30 24.44 13.35 -25.10
C ILE A 30 23.28 14.30 -25.40
N THR A 31 22.88 14.37 -26.66
CA THR A 31 21.76 15.23 -27.00
C THR A 31 20.47 14.74 -26.32
N ASP A 32 20.27 13.42 -26.33
CA ASP A 32 19.08 12.86 -25.70
C ASP A 32 19.15 13.07 -24.19
N VAL A 33 20.31 12.85 -23.60
CA VAL A 33 20.49 13.05 -22.17
C VAL A 33 20.14 14.51 -21.78
N LYS A 34 20.62 15.48 -22.53
CA LYS A 34 20.31 16.88 -22.24
C LYS A 34 18.82 17.17 -22.35
N SER A 35 18.18 16.64 -23.38
CA SER A 35 16.77 16.85 -23.58
C SER A 35 15.94 16.24 -22.44
N GLU A 36 16.28 15.01 -22.07
CA GLU A 36 15.61 14.36 -20.97
C GLU A 36 15.81 15.13 -19.67
N ALA A 37 17.04 15.60 -19.43
CA ALA A 37 17.30 16.38 -18.21
C ALA A 37 16.42 17.61 -18.14
N LEU A 38 16.27 18.29 -19.26
CA LEU A 38 15.47 19.50 -19.35
C LEU A 38 13.99 19.17 -18.99
N ALA A 39 13.51 18.04 -19.51
CA ALA A 39 12.15 17.56 -19.21
C ALA A 39 12.00 17.18 -17.74
N TYR A 40 13.05 16.65 -17.13
CA TYR A 40 13.01 16.20 -15.75
C TYR A 40 13.13 17.32 -14.72
N ARG A 41 13.39 18.53 -15.17
N ARG A 41 13.72 18.44 -15.15
CA ARG A 41 13.33 19.69 -14.28
CA ARG A 41 14.02 19.60 -14.30
C ARG A 41 11.88 19.92 -13.88
C ARG A 41 13.05 19.92 -13.17
N GLU A 42 10.95 19.40 -14.70
N GLU A 42 11.77 19.97 -13.48
CA GLU A 42 9.52 19.61 -14.46
CA GLU A 42 10.78 20.35 -12.48
C GLU A 42 8.84 18.49 -13.66
C GLU A 42 9.94 19.19 -11.97
N ALA A 43 9.65 17.70 -12.95
N ALA A 43 10.19 17.99 -12.48
CA ALA A 43 9.14 16.63 -12.10
CA ALA A 43 9.45 16.81 -12.00
C ALA A 43 9.64 16.78 -10.64
C ALA A 43 9.77 16.71 -10.52
N ASP A 44 8.82 16.28 -9.71
CA ASP A 44 9.06 16.29 -8.28
C ASP A 44 9.63 14.97 -7.78
N PHE A 45 10.95 14.89 -7.71
CA PHE A 45 11.61 13.70 -7.21
C PHE A 45 12.77 14.14 -6.31
N ASP A 46 13.41 13.17 -5.67
CA ASP A 46 14.49 13.46 -4.73
C ASP A 46 15.89 13.10 -5.22
N ILE A 47 16.01 11.99 -5.96
CA ILE A 47 17.29 11.53 -6.49
C ILE A 47 17.14 11.25 -7.99
N LEU A 48 18.10 11.69 -8.77
CA LEU A 48 18.12 11.41 -10.20
C LEU A 48 19.05 10.26 -10.46
N GLU A 49 18.54 9.15 -10.98
CA GLU A 49 19.36 8.03 -11.39
C GLU A 49 19.59 8.15 -12.88
N TRP A 50 20.86 8.17 -13.29
CA TRP A 50 21.21 8.15 -14.70
C TRP A 50 21.46 6.71 -15.05
N ARG A 51 20.60 6.14 -15.93
CA ARG A 51 20.73 4.77 -16.40
C ARG A 51 21.74 4.76 -17.54
N VAL A 52 22.99 4.58 -17.16
CA VAL A 52 24.11 4.65 -18.09
C VAL A 52 24.10 3.50 -19.10
N ASP A 53 23.43 2.40 -18.79
CA ASP A 53 23.38 1.29 -19.72
C ASP A 53 22.55 1.66 -20.95
N HIS A 54 21.74 2.71 -20.87
CA HIS A 54 21.01 3.19 -22.08
C HIS A 54 21.87 4.05 -22.97
N PHE A 55 23.01 4.49 -22.47
CA PHE A 55 23.91 5.41 -23.18
C PHE A 55 24.77 4.62 -24.17
N ALA A 56 24.70 4.98 -25.43
CA ALA A 56 25.43 4.22 -26.45
C ALA A 56 26.95 4.28 -26.35
N ASN A 57 27.52 5.43 -25.98
CA ASN A 57 28.98 5.58 -25.91
C ASN A 57 29.56 5.28 -24.55
N VAL A 58 29.01 4.28 -23.86
CA VAL A 58 29.47 3.94 -22.52
CA VAL A 58 29.50 3.95 -22.53
C VAL A 58 30.95 3.53 -22.46
N THR A 59 31.48 2.98 -23.54
CA THR A 59 32.90 2.56 -23.56
C THR A 59 33.88 3.68 -23.92
N THR A 60 33.39 4.91 -24.11
CA THR A 60 34.24 6.07 -24.38
C THR A 60 34.16 6.95 -23.14
N ALA A 61 35.18 6.88 -22.29
CA ALA A 61 35.18 7.62 -21.02
C ALA A 61 34.84 9.11 -21.13
N GLU A 62 35.43 9.80 -22.10
CA GLU A 62 35.19 11.24 -22.29
C GLU A 62 33.71 11.54 -22.57
N SER A 63 33.04 10.66 -23.30
CA SER A 63 31.63 10.84 -23.64
C SER A 63 30.76 10.69 -22.39
N VAL A 64 31.05 9.67 -21.60
CA VAL A 64 30.32 9.45 -20.36
C VAL A 64 30.48 10.65 -19.42
N LEU A 65 31.71 11.13 -19.31
CA LEU A 65 32.03 12.28 -18.45
C LEU A 65 31.28 13.52 -18.92
N GLU A 66 31.27 13.73 -20.23
CA GLU A 66 30.58 14.86 -20.81
C GLU A 66 29.08 14.78 -20.51
N ALA A 67 28.51 13.60 -20.62
CA ALA A 67 27.08 13.43 -20.37
C ALA A 67 26.75 13.70 -18.91
N ALA A 68 27.57 13.18 -17.99
CA ALA A 68 27.34 13.41 -16.56
C ALA A 68 27.42 14.92 -16.27
N GLY A 69 28.38 15.59 -16.88
CA GLY A 69 28.53 17.03 -16.69
C GLY A 69 27.32 17.78 -17.19
N ALA A 70 26.80 17.35 -18.33
CA ALA A 70 25.62 17.99 -18.92
C ALA A 70 24.39 17.85 -18.02
N ILE A 71 24.19 16.66 -17.45
CA ILE A 71 23.09 16.43 -16.51
C ILE A 71 23.21 17.40 -15.32
N ARG A 72 24.40 17.45 -14.72
CA ARG A 72 24.68 18.33 -13.55
C ARG A 72 24.45 19.82 -13.84
N GLU A 73 24.66 20.24 -15.08
CA GLU A 73 24.46 21.63 -15.47
C GLU A 73 22.97 21.96 -15.56
N ILE A 74 22.15 20.95 -15.86
CA ILE A 74 20.71 21.16 -16.03
C ILE A 74 19.93 20.89 -14.75
N ILE A 75 20.28 19.80 -14.09
CA ILE A 75 19.66 19.37 -12.83
CA ILE A 75 19.65 19.43 -12.82
C ILE A 75 20.73 19.62 -11.78
N THR A 76 20.73 20.81 -11.20
CA THR A 76 21.75 21.23 -10.24
C THR A 76 21.53 20.96 -8.77
N ASP A 77 20.29 20.69 -8.38
CA ASP A 77 19.94 20.57 -6.97
C ASP A 77 19.41 19.20 -6.56
N LYS A 78 19.74 18.17 -7.32
CA LYS A 78 19.30 16.83 -6.96
C LYS A 78 20.50 15.90 -6.93
N PRO A 79 20.62 15.05 -5.90
CA PRO A 79 21.70 14.07 -5.94
C PRO A 79 21.62 13.24 -7.21
N LEU A 80 22.79 12.95 -7.77
CA LEU A 80 22.93 12.19 -8.98
C LEU A 80 23.49 10.81 -8.66
N LEU A 81 22.76 9.78 -9.05
CA LEU A 81 23.12 8.38 -8.88
C LEU A 81 23.50 7.82 -10.25
N PHE A 82 24.70 7.29 -10.35
CA PHE A 82 25.22 6.72 -11.58
C PHE A 82 25.00 5.24 -11.54
N THR A 83 24.18 4.75 -12.46
CA THR A 83 23.86 3.32 -12.54
C THR A 83 24.03 2.73 -13.90
N PHE A 84 25.01 1.84 -14.05
CA PHE A 84 25.06 1.02 -15.24
C PHE A 84 24.38 -0.28 -14.82
N ARG A 85 23.17 -0.52 -15.32
CA ARG A 85 22.45 -1.74 -15.00
C ARG A 85 22.86 -2.78 -16.06
N SER A 86 23.53 -3.84 -15.62
CA SER A 86 24.01 -4.86 -16.53
CA SER A 86 24.00 -4.86 -16.53
C SER A 86 22.86 -5.64 -17.15
N ALA A 87 23.09 -6.10 -18.37
CA ALA A 87 22.10 -6.91 -19.06
C ALA A 87 21.75 -8.15 -18.24
N LYS A 88 22.74 -8.73 -17.56
CA LYS A 88 22.53 -9.89 -16.68
C LYS A 88 21.44 -9.60 -15.66
N GLU A 89 21.38 -8.35 -15.19
CA GLU A 89 20.38 -7.92 -14.20
C GLU A 89 19.29 -7.02 -14.75
N GLY A 90 18.96 -7.28 -16.01
CA GLY A 90 17.83 -6.62 -16.67
C GLY A 90 18.08 -5.31 -17.36
N GLY A 91 19.35 -4.95 -17.51
CA GLY A 91 19.72 -3.72 -18.15
C GLY A 91 19.85 -3.89 -19.64
N GLU A 92 20.29 -2.82 -20.31
CA GLU A 92 20.31 -2.79 -21.77
C GLU A 92 21.55 -3.27 -22.48
N GLN A 93 22.64 -3.48 -21.75
CA GLN A 93 23.91 -3.77 -22.38
C GLN A 93 24.76 -4.55 -21.41
N ALA A 94 25.61 -5.42 -21.96
CA ALA A 94 26.58 -6.21 -21.19
C ALA A 94 27.95 -5.60 -21.37
N LEU A 95 28.71 -5.62 -20.28
CA LEU A 95 30.11 -5.20 -20.26
C LEU A 95 30.89 -6.28 -19.56
N THR A 96 32.20 -6.31 -19.76
CA THR A 96 33.02 -7.24 -19.02
C THR A 96 33.11 -6.67 -17.59
N THR A 97 33.51 -7.52 -16.65
CA THR A 97 33.66 -7.10 -15.26
C THR A 97 34.60 -5.91 -15.14
N GLY A 98 35.75 -5.97 -15.82
CA GLY A 98 36.71 -4.89 -15.78
C GLY A 98 36.15 -3.59 -16.33
N GLN A 99 35.44 -3.67 -17.44
CA GLN A 99 34.86 -2.48 -18.06
C GLN A 99 33.86 -1.86 -17.11
N TYR A 100 33.07 -2.71 -16.47
CA TYR A 100 32.03 -2.25 -15.53
C TYR A 100 32.65 -1.58 -14.33
N ILE A 101 33.68 -2.20 -13.76
CA ILE A 101 34.32 -1.61 -12.60
C ILE A 101 35.02 -0.32 -12.97
N ASP A 102 35.69 -0.31 -14.11
CA ASP A 102 36.42 0.90 -14.52
C ASP A 102 35.47 2.06 -14.85
N LEU A 103 34.30 1.74 -15.39
CA LEU A 103 33.28 2.74 -15.66
C LEU A 103 32.84 3.43 -14.35
N ASN A 104 32.57 2.62 -13.33
CA ASN A 104 32.16 3.16 -12.03
C ASN A 104 33.30 3.93 -11.36
N ARG A 105 34.52 3.46 -11.50
CA ARG A 105 35.65 4.20 -10.95
C ARG A 105 35.79 5.56 -11.63
N ALA A 106 35.55 5.62 -12.94
CA ALA A 106 35.65 6.87 -13.69
C ALA A 106 34.55 7.84 -13.23
N ALA A 107 33.37 7.31 -12.90
CA ALA A 107 32.26 8.12 -12.41
C ALA A 107 32.65 8.72 -11.07
N VAL A 108 33.22 7.89 -10.21
CA VAL A 108 33.71 8.37 -8.92
C VAL A 108 34.74 9.51 -9.10
N ASP A 109 35.70 9.30 -10.02
CA ASP A 109 36.78 10.27 -10.31
C ASP A 109 36.27 11.60 -10.80
N SER A 110 35.17 11.59 -11.54
CA SER A 110 34.63 12.81 -12.15
C SER A 110 34.25 13.89 -11.15
N GLY A 111 33.83 13.48 -9.95
CA GLY A 111 33.35 14.42 -8.97
C GLY A 111 31.98 14.95 -9.31
N LEU A 112 31.36 14.40 -10.35
CA LEU A 112 30.05 14.86 -10.80
C LEU A 112 28.89 14.03 -10.24
N VAL A 113 29.18 12.88 -9.65
CA VAL A 113 28.08 12.05 -9.12
C VAL A 113 28.18 11.91 -7.62
N ASP A 114 27.01 11.84 -6.99
CA ASP A 114 26.94 11.72 -5.54
C ASP A 114 26.91 10.26 -5.09
N MET A 115 26.47 9.37 -5.98
CA MET A 115 26.32 7.98 -5.65
C MET A 115 26.58 7.14 -6.89
N ILE A 116 27.07 5.92 -6.66
CA ILE A 116 27.14 4.91 -7.73
C ILE A 116 26.37 3.70 -7.29
N ASP A 117 25.91 2.94 -8.27
CA ASP A 117 25.23 1.68 -8.05
C ASP A 117 26.23 0.56 -8.35
N LEU A 118 26.36 -0.39 -7.43
CA LEU A 118 27.18 -1.56 -7.68
C LEU A 118 26.34 -2.81 -7.49
N GLU A 119 26.45 -3.74 -8.44
CA GLU A 119 25.67 -4.97 -8.39
C GLU A 119 26.39 -5.96 -7.49
N LEU A 120 25.65 -6.45 -6.49
CA LEU A 120 26.17 -7.40 -5.52
C LEU A 120 26.91 -8.58 -6.15
N PHE A 121 26.34 -9.18 -7.20
CA PHE A 121 26.94 -10.37 -7.78
C PHE A 121 28.07 -10.14 -8.80
N THR A 122 28.62 -8.92 -8.82
CA THR A 122 29.74 -8.60 -9.69
C THR A 122 31.01 -9.38 -9.29
N GLY A 123 31.18 -9.62 -7.99
CA GLY A 123 32.36 -10.30 -7.45
C GLY A 123 32.74 -9.58 -6.17
N ASP A 124 32.93 -10.32 -5.09
CA ASP A 124 33.19 -9.67 -3.80
C ASP A 124 34.44 -8.79 -3.77
N ASP A 125 35.54 -9.27 -4.34
CA ASP A 125 36.79 -8.50 -4.32
C ASP A 125 36.64 -7.19 -5.08
N GLU A 126 36.02 -7.26 -6.24
CA GLU A 126 35.84 -6.08 -7.07
C GLU A 126 34.88 -5.10 -6.39
N VAL A 127 33.82 -5.63 -5.80
CA VAL A 127 32.85 -4.78 -5.15
C VAL A 127 33.50 -4.08 -3.96
N LYS A 128 34.17 -4.85 -3.10
CA LYS A 128 34.84 -4.24 -1.94
C LYS A 128 35.83 -3.15 -2.35
N ALA A 129 36.63 -3.43 -3.36
CA ALA A 129 37.60 -2.44 -3.83
C ALA A 129 36.94 -1.17 -4.33
N THR A 130 35.85 -1.34 -5.09
CA THR A 130 35.14 -0.21 -5.68
C THR A 130 34.37 0.61 -4.62
N VAL A 131 33.81 -0.08 -3.62
CA VAL A 131 33.19 0.61 -2.48
C VAL A 131 34.25 1.49 -1.79
N GLY A 132 35.42 0.92 -1.49
CA GLY A 132 36.48 1.70 -0.89
C GLY A 132 36.86 2.91 -1.71
N TYR A 133 36.98 2.72 -3.01
CA TYR A 133 37.38 3.80 -3.90
C TYR A 133 36.31 4.92 -3.86
N ALA A 134 35.04 4.53 -3.93
CA ALA A 134 33.95 5.49 -3.84
C ALA A 134 34.01 6.26 -2.53
N HIS A 135 34.16 5.53 -1.42
CA HIS A 135 34.23 6.17 -0.13
C HIS A 135 35.40 7.10 0.05
N GLN A 136 36.55 6.80 -0.58
CA GLN A 136 37.70 7.71 -0.45
C GLN A 136 37.45 9.04 -1.21
N HIS A 137 36.41 9.07 -2.04
CA HIS A 137 35.97 10.27 -2.78
C HIS A 137 34.66 10.80 -2.29
N ASN A 138 34.18 10.29 -1.14
CA ASN A 138 32.91 10.72 -0.54
C ASN A 138 31.71 10.52 -1.47
N VAL A 139 31.75 9.43 -2.21
CA VAL A 139 30.66 9.02 -3.09
C VAL A 139 30.02 7.81 -2.40
N ALA A 140 28.70 7.86 -2.26
CA ALA A 140 27.97 6.78 -1.61
C ALA A 140 27.67 5.66 -2.60
N VAL A 141 27.41 4.47 -2.07
CA VAL A 141 27.16 3.29 -2.88
C VAL A 141 25.80 2.68 -2.57
N ILE A 142 24.98 2.58 -3.59
CA ILE A 142 23.75 1.81 -3.50
C ILE A 142 24.14 0.47 -4.12
N MET A 143 24.00 -0.61 -3.36
CA MET A 143 24.35 -1.94 -3.84
C MET A 143 23.06 -2.60 -4.23
N SER A 144 23.06 -3.29 -5.39
CA SER A 144 21.82 -3.80 -5.95
CA SER A 144 21.82 -3.81 -5.94
C SER A 144 21.85 -5.27 -6.37
N ASN A 145 20.67 -5.87 -6.33
CA ASN A 145 20.44 -7.22 -6.80
C ASN A 145 19.03 -7.32 -7.35
N HIS A 146 18.87 -8.15 -8.38
CA HIS A 146 17.58 -8.33 -9.08
C HIS A 146 17.32 -9.76 -9.38
N ASP A 147 16.06 -10.13 -9.27
CA ASP A 147 15.59 -11.42 -9.74
C ASP A 147 14.35 -11.13 -10.59
N PHE A 148 14.51 -11.23 -11.92
CA PHE A 148 13.42 -10.93 -12.84
C PHE A 148 12.51 -12.12 -13.14
N HIS A 149 12.83 -13.27 -12.57
CA HIS A 149 12.04 -14.48 -12.82
C HIS A 149 11.22 -14.97 -11.69
N LYS A 150 11.66 -14.71 -10.46
CA LYS A 150 10.98 -15.24 -9.29
C LYS A 150 11.29 -14.42 -8.05
N THR A 151 10.61 -14.78 -6.97
CA THR A 151 10.86 -14.19 -5.67
C THR A 151 11.53 -15.27 -4.83
N PRO A 152 12.82 -15.08 -4.48
CA PRO A 152 13.45 -16.05 -3.61
C PRO A 152 12.77 -16.06 -2.24
N ALA A 153 13.05 -17.09 -1.45
CA ALA A 153 12.51 -17.18 -0.11
C ALA A 153 12.94 -15.94 0.67
N ALA A 154 12.10 -15.53 1.62
CA ALA A 154 12.38 -14.38 2.45
C ALA A 154 13.77 -14.43 3.05
N GLU A 155 14.14 -15.58 3.61
CA GLU A 155 15.45 -15.68 4.23
C GLU A 155 16.61 -15.40 3.26
N GLU A 156 16.48 -15.82 2.01
CA GLU A 156 17.50 -15.57 1.00
C GLU A 156 17.57 -14.07 0.66
N ILE A 157 16.41 -13.43 0.56
CA ILE A 157 16.36 -11.98 0.30
C ILE A 157 17.06 -11.27 1.47
N VAL A 158 16.75 -11.68 2.69
CA VAL A 158 17.36 -11.06 3.86
C VAL A 158 18.87 -11.25 3.87
N GLN A 159 19.33 -12.46 3.55
CA GLN A 159 20.77 -12.69 3.57
C GLN A 159 21.51 -11.91 2.50
N ARG A 160 20.88 -11.69 1.35
CA ARG A 160 21.51 -10.87 0.32
C ARG A 160 21.65 -9.44 0.79
N LEU A 161 20.60 -8.89 1.40
CA LEU A 161 20.67 -7.52 1.93
C LEU A 161 21.75 -7.42 3.02
N ARG A 162 21.84 -8.44 3.84
CA ARG A 162 22.83 -8.47 4.91
C ARG A 162 24.25 -8.49 4.31
N LYS A 163 24.44 -9.29 3.27
CA LYS A 163 25.74 -9.36 2.60
C LYS A 163 26.13 -8.00 2.03
N MET A 164 25.15 -7.29 1.47
CA MET A 164 25.42 -5.97 0.92
C MET A 164 25.99 -5.07 2.01
N GLN A 165 25.41 -5.12 3.22
CA GLN A 165 25.94 -4.36 4.35
C GLN A 165 27.39 -4.76 4.65
N GLU A 166 27.64 -6.05 4.64
CA GLU A 166 28.97 -6.58 4.93
C GLU A 166 29.99 -6.08 3.91
N LEU A 167 29.57 -5.92 2.66
CA LEU A 167 30.45 -5.43 1.61
C LEU A 167 30.60 -3.91 1.60
N GLY A 168 29.92 -3.23 2.53
CA GLY A 168 30.07 -1.79 2.69
C GLY A 168 29.07 -0.90 2.00
N ALA A 169 27.98 -1.47 1.53
CA ALA A 169 26.97 -0.66 0.85
C ALA A 169 26.43 0.41 1.77
N ASP A 170 26.24 1.63 1.28
CA ASP A 170 25.59 2.66 2.08
C ASP A 170 24.09 2.38 2.13
N ILE A 171 23.55 1.87 1.02
CA ILE A 171 22.16 1.49 0.93
C ILE A 171 21.97 0.20 0.12
N PRO A 172 21.67 -0.91 0.81
CA PRO A 172 21.34 -2.17 0.14
C PRO A 172 20.01 -2.03 -0.58
N LYS A 173 19.90 -2.64 -1.77
CA LYS A 173 18.67 -2.59 -2.59
C LYS A 173 18.45 -3.91 -3.28
N ILE A 174 17.22 -4.39 -3.26
CA ILE A 174 16.87 -5.62 -3.94
C ILE A 174 15.47 -5.48 -4.61
N ALA A 175 15.37 -5.99 -5.84
CA ALA A 175 14.13 -6.03 -6.63
C ALA A 175 13.90 -7.47 -7.07
N VAL A 176 12.69 -7.94 -6.85
CA VAL A 176 12.34 -9.32 -7.17
C VAL A 176 11.03 -9.33 -7.95
N MET A 177 10.76 -10.42 -8.67
CA MET A 177 9.56 -10.54 -9.49
C MET A 177 8.56 -11.51 -8.85
N PRO A 178 7.36 -11.01 -8.55
CA PRO A 178 6.36 -11.89 -7.99
C PRO A 178 5.71 -12.75 -9.08
N GLN A 179 5.46 -14.02 -8.74
CA GLN A 179 4.71 -14.92 -9.62
C GLN A 179 3.29 -15.07 -9.08
N THR A 180 3.09 -14.70 -7.82
CA THR A 180 1.82 -14.79 -7.13
C THR A 180 1.68 -13.61 -6.18
N LYS A 181 0.48 -13.40 -5.64
CA LYS A 181 0.25 -12.32 -4.68
C LYS A 181 1.05 -12.61 -3.40
N ALA A 182 1.08 -13.88 -3.01
CA ALA A 182 1.85 -14.27 -1.83
C ALA A 182 3.33 -13.83 -1.96
N ASP A 183 3.89 -13.88 -3.17
CA ASP A 183 5.29 -13.45 -3.37
C ASP A 183 5.48 -11.97 -3.02
N VAL A 184 4.45 -11.16 -3.24
CA VAL A 184 4.57 -9.74 -2.86
C VAL A 184 4.73 -9.64 -1.35
N LEU A 185 3.94 -10.42 -0.62
CA LEU A 185 4.03 -10.43 0.83
C LEU A 185 5.37 -10.97 1.30
N THR A 186 5.93 -11.93 0.57
CA THR A 186 7.26 -12.47 0.90
C THR A 186 8.30 -11.37 0.86
N LEU A 187 8.21 -10.52 -0.16
CA LEU A 187 9.15 -9.40 -0.29
C LEU A 187 8.95 -8.41 0.88
N LEU A 188 7.71 -8.11 1.24
CA LEU A 188 7.46 -7.21 2.37
C LEU A 188 7.97 -7.82 3.68
N THR A 189 7.74 -9.12 3.86
CA THR A 189 8.24 -9.83 5.05
C THR A 189 9.76 -9.75 5.15
N ALA A 190 10.44 -9.95 4.04
CA ALA A 190 11.90 -9.89 4.02
C ALA A 190 12.35 -8.49 4.41
N THR A 191 11.61 -7.46 3.97
CA THR A 191 11.97 -6.09 4.28
C THR A 191 11.88 -5.87 5.81
N VAL A 192 10.78 -6.34 6.39
CA VAL A 192 10.54 -6.22 7.83
C VAL A 192 11.60 -6.98 8.60
N GLU A 193 11.88 -8.20 8.19
CA GLU A 193 12.86 -9.02 8.89
C GLU A 193 14.27 -8.45 8.81
N MET A 194 14.65 -7.93 7.64
CA MET A 194 15.96 -7.29 7.50
C MET A 194 16.02 -6.10 8.44
N GLN A 195 14.97 -5.28 8.45
CA GLN A 195 14.95 -4.14 9.34
C GLN A 195 15.18 -4.49 10.79
N GLU A 196 14.48 -5.48 11.28
CA GLU A 196 14.60 -5.81 12.71
C GLU A 196 15.81 -6.67 13.11
N ARG A 197 16.31 -7.50 12.22
CA ARG A 197 17.41 -8.38 12.55
C ARG A 197 18.81 -7.85 12.24
N TYR A 198 18.95 -7.18 11.10
CA TYR A 198 20.28 -6.76 10.66
C TYR A 198 20.52 -5.33 10.26
N ALA A 199 19.51 -4.62 9.77
CA ALA A 199 19.80 -3.29 9.22
C ALA A 199 20.35 -2.28 10.21
N ASP A 200 21.44 -1.63 9.78
CA ASP A 200 22.00 -0.51 10.52
C ASP A 200 22.18 0.68 9.58
N ARG A 201 21.41 0.66 8.48
CA ARG A 201 21.42 1.68 7.45
C ARG A 201 20.14 1.53 6.64
N PRO A 202 19.81 2.51 5.79
CA PRO A 202 18.59 2.41 5.00
C PRO A 202 18.71 1.29 4.01
N ILE A 203 17.56 0.67 3.69
CA ILE A 203 17.47 -0.33 2.65
C ILE A 203 16.33 0.05 1.70
N ILE A 204 16.42 -0.46 0.49
CA ILE A 204 15.39 -0.25 -0.54
C ILE A 204 14.96 -1.62 -1.05
N THR A 205 13.67 -1.87 -1.08
CA THR A 205 13.15 -3.13 -1.62
C THR A 205 11.95 -2.88 -2.52
N MET A 206 11.75 -3.77 -3.47
CA MET A 206 10.59 -3.67 -4.34
C MET A 206 10.26 -5.02 -4.93
N SER A 207 8.95 -5.27 -5.05
CA SER A 207 8.39 -6.39 -5.81
C SER A 207 7.95 -5.74 -7.11
N MET A 208 8.46 -6.25 -8.23
CA MET A 208 8.20 -5.65 -9.54
C MET A 208 6.85 -6.00 -10.14
N SER A 209 6.55 -5.34 -11.27
CA SER A 209 5.33 -5.49 -12.08
C SER A 209 4.11 -4.89 -11.39
N LYS A 210 3.00 -4.83 -12.11
CA LYS A 210 1.78 -4.27 -11.54
C LYS A 210 1.40 -5.04 -10.27
N THR A 211 1.61 -6.34 -10.29
CA THR A 211 1.28 -7.19 -9.15
C THR A 211 1.94 -6.71 -7.88
N GLY A 212 3.18 -6.27 -8.01
CA GLY A 212 3.95 -5.80 -6.84
C GLY A 212 3.91 -4.32 -6.52
N VAL A 213 3.12 -3.54 -7.26
CA VAL A 213 3.14 -2.08 -7.11
C VAL A 213 2.90 -1.61 -5.67
N ILE A 214 2.10 -2.33 -4.91
CA ILE A 214 1.88 -1.92 -3.54
C ILE A 214 3.20 -1.81 -2.75
N SER A 215 4.22 -2.62 -3.07
CA SER A 215 5.52 -2.55 -2.40
C SER A 215 6.27 -1.24 -2.67
N ARG A 216 5.91 -0.56 -3.75
CA ARG A 216 6.53 0.70 -4.13
C ARG A 216 5.84 1.88 -3.49
N LEU A 217 4.65 1.62 -2.97
CA LEU A 217 3.84 2.65 -2.34
C LEU A 217 3.83 2.60 -0.82
N ALA A 218 4.11 1.42 -0.22
CA ALA A 218 4.05 1.20 1.25
C ALA A 218 5.38 1.00 2.02
N GLY A 219 6.49 1.46 1.49
CA GLY A 219 7.79 1.28 2.16
C GLY A 219 7.98 1.97 3.50
N GLU A 220 7.15 2.95 3.81
CA GLU A 220 7.35 3.64 5.05
C GLU A 220 7.08 2.75 6.26
N VAL A 221 6.03 1.95 6.21
N VAL A 221 6.02 1.95 6.21
CA VAL A 221 5.74 1.11 7.36
CA VAL A 221 5.70 1.09 7.35
C VAL A 221 6.66 -0.11 7.39
C VAL A 221 6.61 -0.13 7.40
N PHE A 222 6.86 -0.75 6.25
CA PHE A 222 7.67 -1.98 6.22
C PHE A 222 9.18 -1.82 6.20
N GLY A 223 9.67 -0.63 5.88
CA GLY A 223 11.10 -0.37 5.99
C GLY A 223 11.91 -0.13 4.74
N SER A 224 11.25 0.19 3.63
CA SER A 224 11.97 0.54 2.42
C SER A 224 12.09 2.08 2.36
N ALA A 225 13.31 2.58 2.24
CA ALA A 225 13.63 4.02 2.37
C ALA A 225 13.45 4.83 1.10
N ALA A 226 13.30 4.17 -0.03
CA ALA A 226 13.15 4.88 -1.30
C ALA A 226 12.37 4.04 -2.27
N THR A 227 11.84 4.71 -3.28
CA THR A 227 11.02 4.06 -4.27
C THR A 227 11.16 4.79 -5.59
N PHE A 228 11.07 4.04 -6.69
CA PHE A 228 11.18 4.62 -8.04
C PHE A 228 9.85 4.96 -8.67
N GLY A 229 9.80 6.14 -9.27
CA GLY A 229 8.64 6.60 -10.05
C GLY A 229 9.05 6.78 -11.50
N ALA A 230 8.05 6.91 -12.37
CA ALA A 230 8.25 7.09 -13.80
C ALA A 230 7.95 8.53 -14.19
N VAL A 231 8.81 9.12 -15.00
CA VAL A 231 8.52 10.46 -15.50
C VAL A 231 7.64 10.34 -16.76
N LYS A 232 8.21 9.85 -17.85
CA LYS A 232 7.43 9.62 -19.07
C LYS A 232 7.28 8.13 -19.38
N LYS A 233 8.30 7.34 -19.02
CA LYS A 233 8.28 5.88 -19.22
C LYS A 233 8.99 5.19 -18.06
N ALA A 234 8.47 4.05 -17.62
CA ALA A 234 9.05 3.34 -16.48
C ALA A 234 10.41 2.79 -16.82
N SER A 235 11.31 2.78 -15.84
CA SER A 235 12.63 2.21 -16.05
C SER A 235 12.67 0.75 -15.55
N ALA A 236 11.60 0.31 -14.91
CA ALA A 236 11.42 -1.09 -14.49
C ALA A 236 9.92 -1.36 -14.38
N PRO A 237 9.50 -2.62 -14.57
CA PRO A 237 8.05 -2.86 -14.54
C PRO A 237 7.42 -2.56 -13.19
N GLY A 238 6.27 -1.89 -13.22
CA GLY A 238 5.54 -1.60 -12.00
C GLY A 238 5.61 -0.17 -11.46
N GLN A 239 6.54 0.63 -11.97
CA GLN A 239 6.61 2.03 -11.55
C GLN A 239 5.37 2.80 -12.01
N ILE A 240 4.88 3.67 -11.13
CA ILE A 240 3.77 4.56 -11.50
C ILE A 240 4.32 5.97 -11.70
N SER A 241 3.48 6.85 -12.23
CA SER A 241 3.88 8.23 -12.51
C SER A 241 4.35 8.90 -11.24
N VAL A 242 5.38 9.72 -11.36
CA VAL A 242 6.02 10.32 -10.20
CA VAL A 242 6.01 10.36 -10.19
C VAL A 242 5.11 11.25 -9.36
N ALA A 243 4.23 12.02 -9.99
CA ALA A 243 3.37 12.88 -9.21
C ALA A 243 2.39 12.02 -8.38
N ASP A 244 1.84 10.96 -8.97
CA ASP A 244 0.92 10.09 -8.23
C ASP A 244 1.66 9.39 -7.11
N LEU A 245 2.92 9.04 -7.34
CA LEU A 245 3.74 8.42 -6.33
C LEU A 245 3.89 9.32 -5.11
N ARG A 246 4.28 10.58 -5.32
CA ARG A 246 4.43 11.51 -4.19
C ARG A 246 3.11 11.65 -3.44
N THR A 247 2.03 11.74 -4.20
CA THR A 247 0.70 11.86 -3.61
C THR A 247 0.38 10.71 -2.66
N VAL A 248 0.65 9.50 -3.10
CA VAL A 248 0.36 8.34 -2.27
C VAL A 248 1.29 8.30 -1.06
N LEU A 249 2.57 8.56 -1.29
CA LEU A 249 3.55 8.54 -0.18
C LEU A 249 3.16 9.54 0.91
N THR A 250 2.72 10.72 0.49
CA THR A 250 2.34 11.75 1.43
C THR A 250 1.10 11.35 2.20
N ILE A 251 0.09 10.84 1.51
CA ILE A 251 -1.13 10.39 2.19
C ILE A 251 -0.82 9.33 3.24
N LEU A 252 0.01 8.35 2.86
CA LEU A 252 0.39 7.28 3.78
C LEU A 252 1.22 7.78 4.95
N HIS A 253 2.08 8.73 4.68
CA HIS A 253 2.95 9.31 5.72
C HIS A 253 2.14 10.01 6.78
N GLN A 254 1.07 10.67 6.37
CA GLN A 254 0.23 11.43 7.30
C GLN A 254 -0.89 10.58 7.92
N ALA A 255 -1.09 9.38 7.40
CA ALA A 255 -2.13 8.47 7.89
C ALA A 255 -2.01 8.14 9.38
N LYS B 5 -18.40 -14.27 -7.64
CA LYS B 5 -19.69 -13.69 -7.19
C LYS B 5 -19.53 -12.28 -6.60
N THR B 6 -20.42 -11.39 -7.01
CA THR B 6 -20.43 -10.02 -6.52
C THR B 6 -21.69 -9.84 -5.70
N VAL B 7 -21.81 -8.67 -5.07
CA VAL B 7 -22.97 -8.33 -4.28
C VAL B 7 -23.44 -6.94 -4.70
N THR B 8 -24.63 -6.88 -5.27
CA THR B 8 -25.17 -5.62 -5.74
C THR B 8 -26.14 -5.04 -4.74
N VAL B 9 -25.85 -3.81 -4.31
CA VAL B 9 -26.70 -3.09 -3.39
CA VAL B 9 -26.73 -3.10 -3.41
C VAL B 9 -27.04 -1.75 -4.09
N ARG B 10 -28.25 -1.63 -4.61
CA ARG B 10 -28.66 -0.40 -5.33
C ARG B 10 -27.69 0.15 -6.37
N ASP B 11 -27.36 -0.59 -7.42
CA ASP B 11 -26.44 -0.07 -8.45
C ASP B 11 -24.99 -0.27 -8.07
N LEU B 12 -24.68 -0.25 -6.77
CA LEU B 12 -23.32 -0.44 -6.31
C LEU B 12 -22.99 -1.92 -6.39
N VAL B 13 -21.92 -2.22 -7.11
CA VAL B 13 -21.51 -3.60 -7.27
C VAL B 13 -20.25 -3.84 -6.46
N VAL B 14 -20.41 -4.48 -5.30
CA VAL B 14 -19.30 -4.77 -4.43
C VAL B 14 -18.61 -6.03 -4.90
N GLY B 15 -17.28 -5.99 -5.02
CA GLY B 15 -16.50 -7.14 -5.46
C GLY B 15 -15.93 -6.99 -6.87
N GLU B 16 -16.26 -5.88 -7.52
CA GLU B 16 -15.81 -5.57 -8.86
C GLU B 16 -15.06 -4.24 -8.83
N GLY B 17 -14.00 -4.12 -9.63
CA GLY B 17 -13.23 -2.87 -9.71
C GLY B 17 -12.51 -2.51 -8.44
N ALA B 18 -12.31 -1.21 -8.24
CA ALA B 18 -11.62 -0.73 -7.04
C ALA B 18 -12.51 -0.93 -5.81
N PRO B 19 -11.89 -1.14 -4.64
CA PRO B 19 -12.67 -1.30 -3.42
C PRO B 19 -13.61 -0.14 -3.14
N LYS B 20 -14.70 -0.43 -2.45
CA LYS B 20 -15.70 0.58 -2.13
C LYS B 20 -15.40 1.22 -0.80
N ILE B 21 -15.84 2.47 -0.67
CA ILE B 21 -15.59 3.24 0.53
C ILE B 21 -16.82 3.29 1.43
N ILE B 22 -16.63 2.92 2.69
CA ILE B 22 -17.67 2.94 3.71
C ILE B 22 -17.32 4.02 4.72
N VAL B 23 -18.29 4.82 5.08
CA VAL B 23 -18.14 5.81 6.12
C VAL B 23 -19.13 5.48 7.20
N SER B 24 -18.78 5.80 8.44
CA SER B 24 -19.61 5.46 9.59
C SER B 24 -20.16 6.73 10.22
N LEU B 25 -21.47 6.72 10.45
CA LEU B 25 -22.18 7.82 11.07
C LEU B 25 -22.57 7.41 12.49
N MET B 26 -22.26 8.30 13.43
CA MET B 26 -22.53 8.10 14.85
CA MET B 26 -22.52 8.10 14.84
C MET B 26 -23.28 9.29 15.39
N GLY B 27 -24.36 9.04 16.10
CA GLY B 27 -25.12 10.10 16.72
C GLY B 27 -25.90 9.49 17.88
N LYS B 28 -26.03 10.23 18.97
CA LYS B 28 -26.80 9.73 20.09
C LYS B 28 -28.30 9.95 19.93
N THR B 29 -28.68 11.08 19.32
CA THR B 29 -30.07 11.45 19.15
C THR B 29 -30.42 11.65 17.68
N ILE B 30 -31.71 11.76 17.38
CA ILE B 30 -32.12 12.05 16.01
C ILE B 30 -31.50 13.39 15.54
N THR B 31 -31.38 14.36 16.44
CA THR B 31 -30.75 15.62 16.07
C THR B 31 -29.29 15.42 15.67
N ASP B 32 -28.56 14.59 16.43
CA ASP B 32 -27.17 14.30 16.10
C ASP B 32 -27.06 13.63 14.75
N VAL B 33 -27.95 12.66 14.53
CA VAL B 33 -27.96 11.88 13.31
C VAL B 33 -28.26 12.76 12.11
N LYS B 34 -29.24 13.66 12.23
CA LYS B 34 -29.51 14.59 11.13
C LYS B 34 -28.31 15.48 10.83
N SER B 35 -27.69 16.02 11.88
CA SER B 35 -26.54 16.88 11.69
C SER B 35 -25.41 16.16 10.95
N GLU B 36 -25.13 14.93 11.37
CA GLU B 36 -24.07 14.15 10.71
C GLU B 36 -24.45 13.79 9.28
N ALA B 37 -25.71 13.40 9.05
CA ALA B 37 -26.11 13.04 7.71
C ALA B 37 -25.97 14.26 6.78
N LEU B 38 -26.32 15.44 7.28
CA LEU B 38 -26.19 16.64 6.43
C LEU B 38 -24.72 16.93 6.08
N ALA B 39 -23.84 16.69 7.04
CA ALA B 39 -22.41 16.88 6.86
C ALA B 39 -21.81 15.84 5.89
N TYR B 40 -22.36 14.65 5.89
CA TYR B 40 -21.87 13.55 5.05
C TYR B 40 -22.41 13.58 3.63
N ARG B 41 -23.56 14.23 3.45
CA ARG B 41 -24.28 14.20 2.17
C ARG B 41 -23.47 14.40 0.89
N GLU B 42 -22.54 15.34 0.90
CA GLU B 42 -21.74 15.65 -0.29
C GLU B 42 -20.40 14.95 -0.39
N ALA B 43 -20.03 14.19 0.64
CA ALA B 43 -18.75 13.49 0.64
C ALA B 43 -18.75 12.34 -0.37
N ASP B 44 -17.55 12.01 -0.83
CA ASP B 44 -17.39 10.99 -1.84
C ASP B 44 -17.17 9.61 -1.23
N PHE B 45 -18.27 8.92 -0.96
CA PHE B 45 -18.20 7.55 -0.45
C PHE B 45 -19.27 6.71 -1.13
N ASP B 46 -19.21 5.41 -0.87
CA ASP B 46 -20.10 4.46 -1.51
C ASP B 46 -21.20 3.91 -0.63
N ILE B 47 -20.92 3.63 0.63
CA ILE B 47 -21.88 3.05 1.55
C ILE B 47 -21.86 3.82 2.84
N LEU B 48 -23.03 4.13 3.37
CA LEU B 48 -23.17 4.80 4.65
CA LEU B 48 -23.17 4.81 4.66
C LEU B 48 -23.50 3.76 5.72
N GLU B 49 -22.60 3.60 6.69
CA GLU B 49 -22.83 2.70 7.79
C GLU B 49 -23.36 3.53 8.94
N TRP B 50 -24.51 3.17 9.48
CA TRP B 50 -25.05 3.81 10.67
C TRP B 50 -24.69 2.95 11.85
N ARG B 51 -23.88 3.51 12.76
CA ARG B 51 -23.44 2.81 13.97
C ARG B 51 -24.49 3.02 15.05
N VAL B 52 -25.51 2.16 15.00
CA VAL B 52 -26.66 2.24 15.87
C VAL B 52 -26.33 2.09 17.34
N ASP B 53 -25.21 1.43 17.67
CA ASP B 53 -24.84 1.25 19.06
C ASP B 53 -24.54 2.59 19.72
N HIS B 54 -24.22 3.62 18.94
CA HIS B 54 -24.03 4.96 19.50
C HIS B 54 -25.32 5.69 19.76
N PHE B 55 -26.45 5.15 19.31
CA PHE B 55 -27.76 5.77 19.47
C PHE B 55 -28.36 5.42 20.83
N ALA B 56 -29.00 6.37 21.48
CA ALA B 56 -29.61 6.09 22.81
C ALA B 56 -30.94 5.31 22.75
N ASN B 57 -31.21 4.52 23.78
CA ASN B 57 -32.46 3.73 23.87
C ASN B 57 -32.83 2.95 22.62
N VAL B 58 -31.89 2.14 22.14
CA VAL B 58 -32.11 1.31 20.96
C VAL B 58 -33.20 0.28 21.17
N THR B 59 -33.53 -0.02 22.43
CA THR B 59 -34.60 -0.97 22.71
C THR B 59 -35.99 -0.36 22.45
N THR B 60 -36.03 0.95 22.19
CA THR B 60 -37.27 1.60 21.77
C THR B 60 -37.18 1.61 20.27
N ALA B 61 -37.71 0.56 19.65
CA ALA B 61 -37.60 0.39 18.20
C ALA B 61 -38.08 1.57 17.39
N GLU B 62 -39.17 2.19 17.81
CA GLU B 62 -39.73 3.29 17.06
C GLU B 62 -38.76 4.50 16.91
N SER B 63 -38.01 4.83 17.97
CA SER B 63 -37.04 5.93 17.87
C SER B 63 -35.89 5.57 16.91
N VAL B 64 -35.47 4.30 16.91
CA VAL B 64 -34.45 3.84 15.96
C VAL B 64 -34.95 3.98 14.51
N LEU B 65 -36.18 3.54 14.26
CA LEU B 65 -36.76 3.59 12.92
C LEU B 65 -36.97 5.04 12.46
N GLU B 66 -37.32 5.93 13.39
CA GLU B 66 -37.44 7.35 13.04
C GLU B 66 -36.07 7.92 12.62
N ALA B 67 -35.01 7.50 13.30
CA ALA B 67 -33.67 7.95 12.95
C ALA B 67 -33.22 7.37 11.60
N ALA B 68 -33.54 6.10 11.34
CA ALA B 68 -33.21 5.51 10.04
C ALA B 68 -33.92 6.28 8.92
N GLY B 69 -35.18 6.62 9.14
CA GLY B 69 -35.96 7.39 8.16
C GLY B 69 -35.34 8.75 7.92
N ALA B 70 -34.85 9.38 8.99
CA ALA B 70 -34.20 10.69 8.88
C ALA B 70 -32.96 10.60 8.00
N ILE B 71 -32.16 9.56 8.20
CA ILE B 71 -30.98 9.36 7.41
C ILE B 71 -31.35 9.19 5.96
N ARG B 72 -32.33 8.33 5.69
CA ARG B 72 -32.75 8.07 4.30
C ARG B 72 -33.31 9.33 3.60
N GLU B 73 -33.92 10.23 4.35
CA GLU B 73 -34.44 11.48 3.78
C GLU B 73 -33.31 12.43 3.31
N ILE B 74 -32.17 12.36 3.99
CA ILE B 74 -31.03 13.23 3.69
C ILE B 74 -30.05 12.61 2.69
N ILE B 75 -29.70 11.36 2.93
CA ILE B 75 -28.80 10.58 2.08
C ILE B 75 -29.69 9.65 1.29
N THR B 76 -30.06 10.06 0.09
CA THR B 76 -31.01 9.32 -0.72
C THR B 76 -30.42 8.36 -1.74
N ASP B 77 -29.15 8.54 -2.11
CA ASP B 77 -28.53 7.77 -3.19
C ASP B 77 -27.39 6.86 -2.78
N LYS B 78 -27.25 6.59 -1.49
CA LYS B 78 -26.21 5.69 -1.02
C LYS B 78 -26.83 4.54 -0.27
N PRO B 79 -26.34 3.33 -0.50
CA PRO B 79 -26.80 2.20 0.28
C PRO B 79 -26.55 2.47 1.75
N LEU B 80 -27.50 2.06 2.59
CA LEU B 80 -27.43 2.25 4.04
C LEU B 80 -27.23 0.92 4.71
N LEU B 81 -26.16 0.82 5.48
CA LEU B 81 -25.80 -0.35 6.26
C LEU B 81 -26.13 -0.06 7.72
N PHE B 82 -26.96 -0.92 8.29
CA PHE B 82 -27.39 -0.81 9.71
C PHE B 82 -26.50 -1.70 10.55
N THR B 83 -25.71 -1.06 11.42
CA THR B 83 -24.73 -1.77 12.27
C THR B 83 -24.87 -1.49 13.73
N PHE B 84 -25.37 -2.47 14.47
CA PHE B 84 -25.28 -2.38 15.94
C PHE B 84 -24.04 -3.16 16.37
N ARG B 85 -22.98 -2.44 16.73
CA ARG B 85 -21.76 -3.07 17.19
C ARG B 85 -21.89 -3.31 18.69
N SER B 86 -21.85 -4.57 19.09
CA SER B 86 -21.94 -4.92 20.50
C SER B 86 -20.68 -4.49 21.31
N ALA B 87 -20.88 -4.20 22.58
CA ALA B 87 -19.76 -3.85 23.45
C ALA B 87 -18.70 -4.93 23.45
N LYS B 88 -19.11 -6.19 23.35
CA LYS B 88 -18.13 -7.25 23.36
C LYS B 88 -17.24 -7.20 22.13
N GLU B 89 -17.66 -6.47 21.11
CA GLU B 89 -16.82 -6.28 19.91
C GLU B 89 -16.38 -4.87 19.66
N GLY B 90 -16.27 -4.11 20.74
CA GLY B 90 -15.70 -2.78 20.70
C GLY B 90 -16.72 -1.68 20.58
N GLY B 91 -18.00 -2.05 20.65
CA GLY B 91 -19.10 -1.13 20.55
C GLY B 91 -19.38 -0.40 21.85
N GLU B 92 -20.40 0.43 21.82
CA GLU B 92 -20.77 1.26 22.96
C GLU B 92 -21.70 0.59 23.97
N GLN B 93 -22.50 -0.38 23.56
CA GLN B 93 -23.45 -0.97 24.49
C GLN B 93 -23.77 -2.41 24.15
N ALA B 94 -24.50 -3.05 25.05
CA ALA B 94 -24.86 -4.45 24.90
C ALA B 94 -26.35 -4.67 24.89
N LEU B 95 -26.75 -5.74 24.24
CA LEU B 95 -28.14 -6.13 24.18
C LEU B 95 -28.17 -7.60 24.38
N THR B 96 -29.30 -8.12 24.84
CA THR B 96 -29.43 -9.56 24.91
C THR B 96 -29.47 -10.03 23.48
N THR B 97 -29.18 -11.31 23.26
CA THR B 97 -29.21 -11.85 21.91
C THR B 97 -30.56 -11.57 21.25
N GLY B 98 -31.65 -11.79 21.99
CA GLY B 98 -33.00 -11.57 21.49
C GLY B 98 -33.25 -10.14 21.09
N GLN B 99 -32.80 -9.19 21.90
CA GLN B 99 -32.96 -7.77 21.61
C GLN B 99 -32.19 -7.39 20.36
N TYR B 100 -30.99 -7.92 20.23
CA TYR B 100 -30.14 -7.66 19.07
C TYR B 100 -30.76 -8.19 17.78
N ILE B 101 -31.27 -9.41 17.83
CA ILE B 101 -31.94 -9.99 16.68
C ILE B 101 -33.20 -9.20 16.37
N ASP B 102 -33.99 -8.87 17.38
CA ASP B 102 -35.24 -8.11 17.14
C ASP B 102 -34.92 -6.76 16.51
N LEU B 103 -33.87 -6.10 16.99
CA LEU B 103 -33.48 -4.80 16.44
C LEU B 103 -33.13 -4.90 14.97
N ASN B 104 -32.32 -5.89 14.63
CA ASN B 104 -31.93 -6.10 13.26
C ASN B 104 -33.11 -6.48 12.37
N ARG B 105 -34.02 -7.30 12.87
CA ARG B 105 -35.20 -7.66 12.08
C ARG B 105 -36.10 -6.44 11.88
N ALA B 106 -36.19 -5.59 12.89
CA ALA B 106 -36.97 -4.36 12.75
C ALA B 106 -36.37 -3.49 11.64
N ALA B 107 -35.04 -3.43 11.58
CA ALA B 107 -34.34 -2.69 10.51
C ALA B 107 -34.69 -3.32 9.15
N VAL B 108 -34.64 -4.62 9.06
CA VAL B 108 -34.98 -5.31 7.80
C VAL B 108 -36.40 -4.98 7.39
N ASP B 109 -37.31 -5.07 8.34
CA ASP B 109 -38.73 -4.84 8.08
C ASP B 109 -39.07 -3.42 7.64
N SER B 110 -38.26 -2.45 8.03
CA SER B 110 -38.57 -1.06 7.75
C SER B 110 -38.51 -0.71 6.28
N GLY B 111 -37.70 -1.46 5.52
CA GLY B 111 -37.50 -1.15 4.12
C GLY B 111 -36.55 0.02 3.91
N LEU B 112 -36.01 0.57 5.01
CA LEU B 112 -35.14 1.73 4.97
C LEU B 112 -33.68 1.38 4.85
N VAL B 113 -33.31 0.14 5.12
CA VAL B 113 -31.89 -0.25 5.10
C VAL B 113 -31.64 -1.28 4.01
N ASP B 114 -30.49 -1.17 3.36
CA ASP B 114 -30.09 -2.05 2.28
C ASP B 114 -29.25 -3.23 2.76
N MET B 115 -28.61 -3.07 3.92
CA MET B 115 -27.74 -4.08 4.49
C MET B 115 -27.80 -4.02 5.99
N ILE B 116 -27.55 -5.16 6.64
CA ILE B 116 -27.40 -5.19 8.10
C ILE B 116 -26.09 -5.89 8.40
N ASP B 117 -25.51 -5.55 9.54
CA ASP B 117 -24.30 -6.19 10.04
C ASP B 117 -24.72 -7.19 11.10
N LEU B 118 -24.25 -8.43 10.99
CA LEU B 118 -24.49 -9.43 12.02
C LEU B 118 -23.12 -9.91 12.47
N GLU B 119 -22.91 -9.96 13.78
CA GLU B 119 -21.63 -10.43 14.32
C GLU B 119 -21.57 -11.96 14.30
N LEU B 120 -20.47 -12.49 13.76
CA LEU B 120 -20.26 -13.93 13.70
C LEU B 120 -20.49 -14.62 15.05
N PHE B 121 -19.94 -14.02 16.10
CA PHE B 121 -19.99 -14.64 17.42
C PHE B 121 -21.32 -14.43 18.17
N THR B 122 -22.34 -13.96 17.47
CA THR B 122 -23.67 -13.84 18.08
C THR B 122 -24.24 -15.21 18.43
N GLY B 123 -23.93 -16.21 17.62
CA GLY B 123 -24.45 -17.57 17.83
C GLY B 123 -24.95 -18.07 16.52
N ASP B 124 -24.58 -19.29 16.13
CA ASP B 124 -24.96 -19.82 14.82
C ASP B 124 -26.46 -19.87 14.49
N ASP B 125 -27.27 -20.39 15.42
CA ASP B 125 -28.71 -20.54 15.16
C ASP B 125 -29.38 -19.20 14.85
N GLU B 126 -29.16 -18.24 15.74
CA GLU B 126 -29.74 -16.91 15.58
C GLU B 126 -29.24 -16.20 14.33
N VAL B 127 -27.95 -16.29 14.09
CA VAL B 127 -27.37 -15.65 12.93
C VAL B 127 -27.96 -16.24 11.65
N LYS B 128 -27.98 -17.55 11.55
CA LYS B 128 -28.41 -18.13 10.30
C LYS B 128 -29.87 -17.82 10.02
N ALA B 129 -30.72 -17.88 11.05
CA ALA B 129 -32.12 -17.57 10.83
C ALA B 129 -32.30 -16.11 10.39
N THR B 130 -31.53 -15.19 10.97
CA THR B 130 -31.65 -13.79 10.63
C THR B 130 -31.07 -13.48 9.25
N VAL B 131 -30.05 -14.23 8.83
CA VAL B 131 -29.57 -14.12 7.44
C VAL B 131 -30.71 -14.50 6.51
N GLY B 132 -31.39 -15.60 6.81
CA GLY B 132 -32.53 -16.00 6.00
C GLY B 132 -33.61 -14.94 5.97
N TYR B 133 -33.88 -14.36 7.12
CA TYR B 133 -34.92 -13.34 7.24
C TYR B 133 -34.55 -12.10 6.41
N ALA B 134 -33.30 -11.67 6.52
CA ALA B 134 -32.85 -10.53 5.75
C ALA B 134 -32.98 -10.80 4.25
N HIS B 135 -32.53 -11.96 3.82
CA HIS B 135 -32.61 -12.31 2.40
C HIS B 135 -34.03 -12.36 1.88
N GLN B 136 -34.94 -12.86 2.72
CA GLN B 136 -36.37 -12.91 2.37
C GLN B 136 -36.89 -11.52 2.02
N HIS B 137 -36.31 -10.49 2.64
CA HIS B 137 -36.69 -9.08 2.45
C HIS B 137 -35.71 -8.29 1.59
N ASN B 138 -34.87 -9.01 0.85
CA ASN B 138 -33.91 -8.40 -0.07
CA ASN B 138 -33.91 -8.40 -0.07
C ASN B 138 -32.96 -7.43 0.62
N VAL B 139 -32.46 -7.83 1.78
CA VAL B 139 -31.51 -7.06 2.55
C VAL B 139 -30.25 -7.90 2.67
N ALA B 140 -29.12 -7.32 2.27
CA ALA B 140 -27.84 -8.01 2.32
C ALA B 140 -27.24 -8.03 3.72
N VAL B 141 -26.37 -9.00 3.95
CA VAL B 141 -25.76 -9.16 5.26
C VAL B 141 -24.26 -9.10 5.21
N ILE B 142 -23.70 -8.17 5.97
CA ILE B 142 -22.26 -8.15 6.21
C ILE B 142 -22.10 -8.88 7.53
N MET B 143 -21.31 -9.94 7.59
CA MET B 143 -21.11 -10.68 8.84
C MET B 143 -19.74 -10.28 9.33
N SER B 144 -19.64 -9.92 10.61
CA SER B 144 -18.43 -9.28 11.10
C SER B 144 -17.80 -9.92 12.30
N ASN B 145 -16.50 -9.64 12.45
CA ASN B 145 -15.75 -10.07 13.61
C ASN B 145 -14.62 -9.06 13.79
N HIS B 146 -14.32 -8.73 15.05
CA HIS B 146 -13.30 -7.73 15.37
C HIS B 146 -12.46 -8.17 16.52
N ASP B 147 -11.16 -7.85 16.43
CA ASP B 147 -10.26 -7.99 17.59
C ASP B 147 -9.50 -6.68 17.67
N PHE B 148 -9.82 -5.87 18.68
CA PHE B 148 -9.22 -4.54 18.85
C PHE B 148 -7.90 -4.55 19.57
N HIS B 149 -7.41 -5.72 19.96
CA HIS B 149 -6.18 -5.80 20.75
C HIS B 149 -5.05 -6.55 20.15
N LYS B 150 -5.35 -7.49 19.26
CA LYS B 150 -4.32 -8.32 18.69
C LYS B 150 -4.80 -8.91 17.37
N THR B 151 -3.86 -9.58 16.70
CA THR B 151 -4.12 -10.23 15.42
C THR B 151 -4.04 -11.73 15.60
N PRO B 152 -5.15 -12.45 15.36
CA PRO B 152 -5.13 -13.92 15.41
C PRO B 152 -4.22 -14.48 14.30
N ALA B 153 -3.82 -15.73 14.43
CA ALA B 153 -3.00 -16.37 13.40
C ALA B 153 -3.77 -16.38 12.09
N ALA B 154 -3.04 -16.34 10.98
CA ALA B 154 -3.67 -16.32 9.66
C ALA B 154 -4.68 -17.46 9.51
N GLU B 155 -4.34 -18.62 10.04
CA GLU B 155 -5.21 -19.78 9.91
C GLU B 155 -6.57 -19.54 10.59
N GLU B 156 -6.55 -18.82 11.71
CA GLU B 156 -7.78 -18.55 12.46
C GLU B 156 -8.59 -17.48 11.75
N ILE B 157 -7.91 -16.50 11.16
CA ILE B 157 -8.62 -15.45 10.40
C ILE B 157 -9.37 -16.08 9.23
N VAL B 158 -8.67 -16.93 8.48
CA VAL B 158 -9.29 -17.65 7.38
C VAL B 158 -10.48 -18.49 7.88
N GLN B 159 -10.30 -19.19 8.99
CA GLN B 159 -11.38 -20.01 9.52
C GLN B 159 -12.62 -19.18 9.83
N ARG B 160 -12.46 -18.03 10.45
CA ARG B 160 -13.60 -17.16 10.73
C ARG B 160 -14.28 -16.70 9.46
N LEU B 161 -13.49 -16.30 8.45
CA LEU B 161 -14.08 -15.80 7.21
C LEU B 161 -14.83 -16.94 6.52
N ARG B 162 -14.26 -18.13 6.54
CA ARG B 162 -14.94 -19.30 5.95
C ARG B 162 -16.26 -19.62 6.67
N LYS B 163 -16.28 -19.47 8.00
CA LYS B 163 -17.50 -19.74 8.76
C LYS B 163 -18.58 -18.72 8.42
N MET B 164 -18.19 -17.46 8.21
CA MET B 164 -19.16 -16.43 7.81
C MET B 164 -19.79 -16.82 6.48
N GLN B 165 -18.99 -17.32 5.53
CA GLN B 165 -19.57 -17.78 4.25
C GLN B 165 -20.55 -18.93 4.48
N GLU B 166 -20.15 -19.89 5.31
CA GLU B 166 -20.97 -21.03 5.62
C GLU B 166 -22.33 -20.62 6.21
N LEU B 167 -22.32 -19.60 7.07
CA LEU B 167 -23.54 -19.08 7.68
C LEU B 167 -24.39 -18.24 6.72
N GLY B 168 -23.88 -17.99 5.52
CA GLY B 168 -24.67 -17.30 4.50
C GLY B 168 -24.44 -15.81 4.33
N ALA B 169 -23.39 -15.28 4.95
CA ALA B 169 -23.07 -13.88 4.82
C ALA B 169 -22.91 -13.51 3.36
N ASP B 170 -23.42 -12.36 2.96
CA ASP B 170 -23.17 -11.89 1.59
C ASP B 170 -21.74 -11.40 1.52
N ILE B 171 -21.29 -10.77 2.60
CA ILE B 171 -19.92 -10.21 2.69
C ILE B 171 -19.29 -10.44 4.07
N PRO B 172 -18.39 -11.43 4.17
CA PRO B 172 -17.62 -11.64 5.40
C PRO B 172 -16.72 -10.43 5.62
N LYS B 173 -16.61 -10.02 6.89
CA LYS B 173 -15.79 -8.87 7.29
C LYS B 173 -15.03 -9.17 8.56
N ILE B 174 -13.73 -8.90 8.53
CA ILE B 174 -12.92 -9.01 9.74
C ILE B 174 -11.98 -7.83 9.88
N ALA B 175 -11.84 -7.34 11.12
CA ALA B 175 -10.93 -6.22 11.45
C ALA B 175 -10.13 -6.65 12.68
N VAL B 176 -8.80 -6.52 12.61
CA VAL B 176 -7.91 -6.96 13.69
C VAL B 176 -6.84 -5.91 13.94
N MET B 177 -6.28 -5.95 15.14
CA MET B 177 -5.30 -4.94 15.55
C MET B 177 -3.89 -5.49 15.54
N PRO B 178 -3.00 -4.85 14.79
CA PRO B 178 -1.62 -5.33 14.78
C PRO B 178 -0.87 -4.81 16.01
N GLN B 179 0.00 -5.64 16.55
CA GLN B 179 0.91 -5.22 17.60
C GLN B 179 2.29 -5.02 16.98
N THR B 180 2.52 -5.65 15.84
CA THR B 180 3.79 -5.58 15.12
C THR B 180 3.51 -5.44 13.63
N LYS B 181 4.55 -5.10 12.86
CA LYS B 181 4.41 -5.00 11.40
C LYS B 181 4.08 -6.37 10.82
N ALA B 182 4.68 -7.41 11.37
CA ALA B 182 4.40 -8.77 10.94
C ALA B 182 2.91 -9.11 11.05
N ASP B 183 2.23 -8.57 12.07
CA ASP B 183 0.79 -8.80 12.24
C ASP B 183 0.02 -8.24 11.04
N VAL B 184 0.49 -7.14 10.45
CA VAL B 184 -0.20 -6.57 9.29
C VAL B 184 -0.09 -7.54 8.14
N LEU B 185 1.10 -8.10 7.95
CA LEU B 185 1.33 -9.07 6.88
C LEU B 185 0.53 -10.34 7.12
N THR B 186 0.32 -10.72 8.37
CA THR B 186 -0.52 -11.87 8.69
C THR B 186 -1.97 -11.63 8.19
N LEU B 187 -2.49 -10.44 8.43
CA LEU B 187 -3.84 -10.10 7.97
C LEU B 187 -3.90 -10.13 6.45
N LEU B 188 -2.89 -9.61 5.77
CA LEU B 188 -2.90 -9.65 4.29
C LEU B 188 -2.78 -11.09 3.76
N THR B 189 -1.97 -11.90 4.43
CA THR B 189 -1.77 -13.31 4.07
C THR B 189 -3.10 -14.03 4.15
N ALA B 190 -3.85 -13.81 5.21
CA ALA B 190 -5.15 -14.44 5.37
C ALA B 190 -6.13 -14.00 4.28
N THR B 191 -6.07 -12.72 3.92
CA THR B 191 -6.91 -12.16 2.88
C THR B 191 -6.61 -12.83 1.54
N VAL B 192 -5.33 -12.98 1.22
CA VAL B 192 -4.91 -13.61 -0.02
C VAL B 192 -5.33 -15.09 -0.05
N GLU B 193 -5.11 -15.80 1.04
CA GLU B 193 -5.46 -17.20 1.07
C GLU B 193 -6.95 -17.42 0.93
N MET B 194 -7.72 -16.58 1.61
CA MET B 194 -9.16 -16.69 1.60
C MET B 194 -9.74 -16.39 0.24
N GLN B 195 -9.32 -15.28 -0.34
CA GLN B 195 -9.87 -14.83 -1.59
C GLN B 195 -9.49 -15.76 -2.74
N GLU B 196 -8.27 -16.29 -2.75
CA GLU B 196 -7.81 -17.18 -3.82
C GLU B 196 -8.23 -18.65 -3.70
N ARG B 197 -8.40 -19.16 -2.48
CA ARG B 197 -8.76 -20.57 -2.31
C ARG B 197 -10.19 -20.86 -1.85
N TYR B 198 -10.73 -20.05 -0.94
CA TYR B 198 -12.02 -20.36 -0.34
C TYR B 198 -13.17 -19.43 -0.67
N ALA B 199 -12.86 -18.16 -0.91
CA ALA B 199 -13.90 -17.18 -1.14
C ALA B 199 -14.69 -17.43 -2.41
N ASP B 200 -16.01 -17.33 -2.29
CA ASP B 200 -16.89 -17.38 -3.44
C ASP B 200 -17.80 -16.14 -3.43
N ARG B 201 -17.35 -15.13 -2.68
CA ARG B 201 -18.08 -13.88 -2.56
C ARG B 201 -17.11 -12.80 -2.09
N PRO B 202 -17.52 -11.54 -2.11
CA PRO B 202 -16.62 -10.48 -1.65
C PRO B 202 -16.33 -10.59 -0.15
N ILE B 203 -15.11 -10.24 0.25
CA ILE B 203 -14.77 -10.21 1.65
C ILE B 203 -14.16 -8.84 1.94
N ILE B 204 -14.29 -8.40 3.19
CA ILE B 204 -13.69 -7.14 3.67
C ILE B 204 -12.72 -7.50 4.79
N THR B 205 -11.47 -7.06 4.65
CA THR B 205 -10.51 -7.30 5.74
C THR B 205 -9.77 -6.02 6.04
N MET B 206 -9.35 -5.85 7.28
CA MET B 206 -8.64 -4.66 7.67
CA MET B 206 -8.58 -4.68 7.64
C MET B 206 -7.74 -4.95 8.87
N SER B 207 -6.57 -4.30 8.87
CA SER B 207 -5.64 -4.32 9.99
C SER B 207 -5.74 -2.84 10.46
N MET B 208 -6.05 -2.65 11.75
CA MET B 208 -6.25 -1.33 12.36
CA MET B 208 -6.26 -1.31 12.28
C MET B 208 -4.95 -0.59 12.62
N SER B 209 -5.10 0.67 13.03
CA SER B 209 -4.01 1.57 13.41
C SER B 209 -3.19 2.07 12.22
N LYS B 210 -2.23 2.94 12.51
CA LYS B 210 -1.41 3.48 11.44
C LYS B 210 -0.62 2.35 10.80
N THR B 211 -0.17 1.40 11.61
CA THR B 211 0.67 0.33 11.10
C THR B 211 -0.05 -0.50 10.03
N GLY B 212 -1.36 -0.63 10.17
CA GLY B 212 -2.16 -1.43 9.22
C GLY B 212 -2.76 -0.70 8.03
N VAL B 213 -2.42 0.57 7.85
CA VAL B 213 -2.97 1.43 6.79
C VAL B 213 -2.92 0.76 5.40
N ILE B 214 -1.84 0.02 5.10
CA ILE B 214 -1.74 -0.70 3.81
C ILE B 214 -2.98 -1.52 3.52
N SER B 215 -3.61 -2.08 4.56
CA SER B 215 -4.78 -2.93 4.36
C SER B 215 -5.99 -2.18 3.89
N ARG B 216 -6.01 -0.86 4.09
CA ARG B 216 -7.11 -0.02 3.63
C ARG B 216 -6.93 0.38 2.18
N LEU B 217 -5.69 0.27 1.71
CA LEU B 217 -5.36 0.70 0.34
C LEU B 217 -5.21 -0.45 -0.66
N ALA B 218 -4.77 -1.62 -0.21
CA ALA B 218 -4.44 -2.75 -1.11
C ALA B 218 -5.50 -3.79 -1.31
N GLY B 219 -6.77 -3.41 -1.17
CA GLY B 219 -7.83 -4.36 -1.35
C GLY B 219 -7.92 -4.98 -2.74
N GLU B 220 -7.67 -4.18 -3.77
CA GLU B 220 -7.81 -4.70 -5.13
C GLU B 220 -6.78 -5.80 -5.40
N VAL B 221 -5.57 -5.66 -4.87
N VAL B 221 -5.59 -5.59 -4.85
CA VAL B 221 -4.54 -6.68 -5.14
CA VAL B 221 -4.47 -6.51 -4.96
C VAL B 221 -4.54 -7.88 -4.16
C VAL B 221 -4.72 -7.82 -4.21
N PHE B 222 -4.92 -7.69 -2.90
CA PHE B 222 -4.98 -8.82 -2.00
C PHE B 222 -6.35 -9.46 -1.80
N GLY B 223 -7.41 -8.74 -2.14
CA GLY B 223 -8.75 -9.34 -2.10
C GLY B 223 -9.73 -8.82 -1.08
N SER B 224 -9.61 -7.56 -0.68
CA SER B 224 -10.60 -6.93 0.22
C SER B 224 -11.43 -5.99 -0.66
N ALA B 225 -12.74 -6.12 -0.56
CA ALA B 225 -13.71 -5.43 -1.44
C ALA B 225 -14.15 -4.03 -0.99
N ALA B 226 -13.81 -3.66 0.24
CA ALA B 226 -14.22 -2.38 0.77
C ALA B 226 -13.29 -1.95 1.87
N THR B 227 -13.34 -0.67 2.17
N THR B 227 -13.26 -0.64 2.10
CA THR B 227 -12.48 -0.09 3.15
CA THR B 227 -12.43 0.02 3.10
C THR B 227 -13.30 0.99 3.85
C THR B 227 -13.21 1.13 3.79
N PHE B 228 -12.89 1.36 5.06
CA PHE B 228 -13.55 2.39 5.85
C PHE B 228 -12.70 3.66 5.86
N GLY B 229 -13.34 4.79 5.63
CA GLY B 229 -12.67 6.09 5.66
C GLY B 229 -13.45 7.12 6.46
N ALA B 230 -12.84 8.29 6.66
CA ALA B 230 -13.48 9.37 7.42
C ALA B 230 -13.98 10.49 6.53
N VAL B 231 -15.12 11.07 6.89
CA VAL B 231 -15.61 12.26 6.23
C VAL B 231 -15.11 13.45 7.04
N LYS B 232 -15.30 13.33 8.36
CA LYS B 232 -14.94 14.31 9.39
C LYS B 232 -13.50 14.82 9.27
N LYS B 233 -13.30 16.12 9.54
CA LYS B 233 -11.95 16.73 9.52
C LYS B 233 -10.97 15.92 10.37
N ALA B 234 -11.30 15.80 11.65
CA ALA B 234 -10.47 15.09 12.62
C ALA B 234 -10.76 13.58 12.57
N SER B 235 -9.71 12.77 12.39
CA SER B 235 -9.81 11.30 12.32
C SER B 235 -8.80 10.59 13.25
N ALA B 236 -8.71 9.26 13.18
CA ALA B 236 -7.80 8.45 14.03
C ALA B 236 -6.65 7.80 13.23
N PRO B 237 -5.60 7.29 13.92
CA PRO B 237 -4.44 6.67 13.24
C PRO B 237 -4.83 5.54 12.31
N GLY B 238 -4.41 5.64 11.05
CA GLY B 238 -4.75 4.63 10.05
C GLY B 238 -5.98 4.99 9.22
N GLN B 239 -6.82 5.85 9.76
CA GLN B 239 -8.04 6.29 9.09
C GLN B 239 -7.69 7.43 8.11
N ILE B 240 -8.07 7.27 6.85
CA ILE B 240 -7.78 8.21 5.77
C ILE B 240 -9.09 8.91 5.39
N SER B 241 -9.03 10.19 5.03
CA SER B 241 -10.24 10.89 4.60
C SER B 241 -10.76 10.23 3.35
N VAL B 242 -12.06 10.30 3.12
CA VAL B 242 -12.60 9.65 1.93
C VAL B 242 -12.04 10.20 0.62
N ALA B 243 -11.76 11.50 0.55
CA ALA B 243 -11.19 12.08 -0.67
C ALA B 243 -9.80 11.46 -0.95
N ASP B 244 -8.98 11.36 0.09
CA ASP B 244 -7.64 10.79 -0.04
C ASP B 244 -7.71 9.29 -0.32
N LEU B 245 -8.68 8.63 0.27
CA LEU B 245 -8.87 7.22 0.04
C LEU B 245 -9.25 6.98 -1.43
N ARG B 246 -10.19 7.76 -1.94
CA ARG B 246 -10.58 7.61 -3.34
C ARG B 246 -9.39 7.86 -4.26
N THR B 247 -8.60 8.88 -3.95
CA THR B 247 -7.40 9.19 -4.73
C THR B 247 -6.43 8.02 -4.80
N VAL B 248 -6.11 7.43 -3.67
CA VAL B 248 -5.17 6.31 -3.67
C VAL B 248 -5.74 5.05 -4.31
N LEU B 249 -6.99 4.73 -4.01
CA LEU B 249 -7.63 3.56 -4.59
C LEU B 249 -7.68 3.68 -6.12
N THR B 250 -7.93 4.90 -6.60
CA THR B 250 -8.01 5.12 -8.04
C THR B 250 -6.62 4.98 -8.69
N ILE B 251 -5.61 5.56 -8.05
CA ILE B 251 -4.22 5.46 -8.53
C ILE B 251 -3.81 3.99 -8.63
N LEU B 252 -4.14 3.20 -7.62
CA LEU B 252 -3.82 1.76 -7.65
C LEU B 252 -4.60 1.04 -8.75
N HIS B 253 -5.87 1.39 -8.90
CA HIS B 253 -6.72 0.75 -9.91
C HIS B 253 -6.23 1.02 -11.31
N GLN B 254 -5.74 2.24 -11.52
CA GLN B 254 -5.28 2.71 -12.84
C GLN B 254 -3.79 2.50 -13.07
N ALA B 255 -3.09 1.86 -12.13
CA ALA B 255 -1.65 1.62 -12.26
C ALA B 255 -1.34 0.64 -13.38
O12 SKM C . 18.36 0.83 -11.60
C8 SKM C . 17.02 0.71 -11.10
C6 SKM C . 16.00 0.80 -12.22
O7 SKM C . 16.27 1.95 -13.03
C5 SKM C . 14.60 0.87 -11.61
C4 SKM C . 14.37 -0.23 -10.58
C1 SKM C . 12.99 -0.51 -10.17
O2 SKM C . 12.19 0.47 -10.12
O3 SKM C . 12.61 -1.67 -9.89
C10 SKM C . 15.40 -0.90 -10.05
C9 SKM C . 16.85 -0.62 -10.41
O11 SKM C . 17.33 -1.66 -11.26
ZN ZN D . 40.73 10.95 -6.81
ZN ZN E . -41.88 -9.41 6.05
ZN ZN F . -8.43 -8.59 24.12
O12 SKM G . -17.52 -0.39 11.13
C8 SKM G . -16.35 0.41 10.91
C6 SKM G . -16.14 1.39 12.04
O7 SKM G . -17.34 2.13 12.27
C5 SKM G . -14.98 2.33 11.73
C4 SKM G . -13.80 1.60 11.13
C1 SKM G . -12.51 2.28 11.01
O2 SKM G . -11.51 1.77 11.57
O3 SKM G . -12.45 3.35 10.36
C10 SKM G . -13.87 0.33 10.69
C9 SKM G . -15.12 -0.49 10.76
O11 SKM G . -15.09 -1.40 11.87
#